data_4CE1
#
_entry.id   4CE1
#
_cell.length_a   74.160
_cell.length_b   74.160
_cell.length_c   110.430
_cell.angle_alpha   90.00
_cell.angle_beta   90.00
_cell.angle_gamma   90.00
#
_symmetry.space_group_name_H-M   'P 43 2 2'
#
loop_
_entity.id
_entity.type
_entity.pdbx_description
1 polymer 'ATP-DEPENDENT MOLECULAR CHAPERONE HSP82'
2 non-polymer 15-Chloro-16,18-dihydroxy-2-methyl-3,4,7,8,9,10,11,12-octahydrobenz[c][1]azacyclohexadecine-1,13(2H,14H)-dione
3 water water
#
_entity_poly.entity_id   1
_entity_poly.type   'polypeptide(L)'
_entity_poly.pdbx_seq_one_letter_code
;MASETFEFQAEITQLMSLIINTVYSNKEIFLRELISNASDALDKIRYKSLSDPKQLETEPDLFIRITPKPEQKVLEIRDS
GIGMTKAELINNLGTIAKSGTKAFMEALSAGADVSMIGQFGVGFYSLFLVADRVQVISKSNDDEQYIWESNAGGSFTVTL
DEVNERIGRGTILRLFLKDDQLEYLEEKRIKEVIKRHSEFVAYPIQLVVTKEVE
;
_entity_poly.pdbx_strand_id   A
#
# COMPACT_ATOMS: atom_id res chain seq x y z
N MET A 1 -8.47 -16.19 14.66
CA MET A 1 -7.78 -17.45 14.19
C MET A 1 -6.18 -17.53 14.17
N ALA A 2 -5.60 -18.64 13.65
CA ALA A 2 -4.13 -18.75 13.37
C ALA A 2 -3.80 -18.04 12.05
N SER A 3 -2.52 -17.77 11.78
CA SER A 3 -2.05 -17.29 10.48
C SER A 3 -1.98 -18.42 9.44
N GLU A 4 -2.33 -18.17 8.19
CA GLU A 4 -1.99 -19.04 7.05
C GLU A 4 -0.85 -18.48 6.22
N THR A 5 -0.01 -19.37 5.72
CA THR A 5 1.16 -18.95 4.99
C THR A 5 1.04 -19.39 3.54
N PHE A 6 1.46 -18.52 2.63
CA PHE A 6 1.34 -18.68 1.20
C PHE A 6 2.68 -18.35 0.57
N GLU A 7 2.98 -19.01 -0.54
CA GLU A 7 4.23 -18.78 -1.27
C GLU A 7 3.99 -17.70 -2.32
N PHE A 8 4.92 -16.76 -2.49
CA PHE A 8 4.76 -15.82 -3.61
C PHE A 8 5.07 -16.52 -4.95
N GLN A 9 4.41 -16.12 -6.03
CA GLN A 9 4.82 -16.46 -7.41
C GLN A 9 6.31 -16.02 -7.52
N ALA A 10 7.14 -16.83 -8.23
CA ALA A 10 8.62 -16.67 -8.18
C ALA A 10 9.11 -15.31 -8.68
N GLU A 11 8.54 -14.78 -9.76
CA GLU A 11 8.92 -13.45 -10.25
C GLU A 11 8.66 -12.32 -9.22
N ILE A 12 7.65 -12.49 -8.38
CA ILE A 12 7.33 -11.47 -7.36
C ILE A 12 8.40 -11.45 -6.33
N THR A 13 8.82 -12.62 -5.86
CA THR A 13 9.91 -12.72 -4.89
C THR A 13 11.24 -12.11 -5.41
N GLN A 14 11.47 -12.34 -6.69
CA GLN A 14 12.61 -11.77 -7.40
C GLN A 14 12.48 -10.22 -7.48
N LEU A 15 11.33 -9.72 -7.91
CA LEU A 15 11.08 -8.27 -7.86
C LEU A 15 11.34 -7.69 -6.45
N MET A 16 10.81 -8.29 -5.39
CA MET A 16 10.96 -7.74 -4.02
C MET A 16 12.38 -7.73 -3.47
N SER A 17 13.14 -8.75 -3.87
CA SER A 17 14.47 -8.89 -3.29
C SER A 17 15.36 -7.79 -3.90
N LEU A 18 15.19 -7.61 -5.18
CA LEU A 18 15.86 -6.60 -5.87
C LEU A 18 15.62 -5.18 -5.21
N ILE A 19 14.34 -4.82 -5.05
CA ILE A 19 13.98 -3.52 -4.52
C ILE A 19 14.38 -3.37 -3.06
N ILE A 20 14.26 -4.41 -2.23
CA ILE A 20 14.53 -4.14 -0.82
C ILE A 20 16.00 -3.80 -0.70
N ASN A 21 16.84 -4.34 -1.66
CA ASN A 21 18.29 -4.30 -1.61
C ASN A 21 18.90 -3.17 -2.43
N THR A 22 18.04 -2.44 -3.25
CA THR A 22 18.61 -1.48 -4.21
C THR A 22 19.28 -0.30 -3.46
N VAL A 23 20.34 0.26 -4.05
CA VAL A 23 20.92 1.55 -3.60
C VAL A 23 20.38 2.80 -4.34
N TYR A 24 19.35 2.62 -5.18
CA TYR A 24 18.68 3.67 -5.91
C TYR A 24 18.41 4.96 -5.08
N SER A 25 18.47 6.12 -5.70
CA SER A 25 18.50 7.37 -4.98
C SER A 25 17.15 7.93 -4.57
N ASN A 26 16.19 7.87 -5.51
CA ASN A 26 14.90 8.54 -5.47
C ASN A 26 13.79 7.67 -4.78
N LYS A 27 14.02 7.28 -3.54
CA LYS A 27 13.10 6.35 -2.83
C LYS A 27 11.68 6.94 -2.60
N GLU A 28 11.63 8.27 -2.42
CA GLU A 28 10.38 9.02 -2.19
C GLU A 28 9.28 8.59 -3.12
N ILE A 29 9.60 7.99 -4.26
CA ILE A 29 8.55 7.68 -5.25
CA ILE A 29 8.53 7.68 -5.25
C ILE A 29 7.55 6.58 -4.75
N PHE A 30 7.90 5.85 -3.73
CA PHE A 30 6.94 4.83 -3.16
C PHE A 30 5.62 5.50 -2.76
N LEU A 31 5.69 6.75 -2.30
CA LEU A 31 4.46 7.42 -1.79
C LEU A 31 3.53 7.78 -2.89
N ARG A 32 4.08 8.25 -4.01
CA ARG A 32 3.20 8.45 -5.18
C ARG A 32 2.46 7.17 -5.58
N GLU A 33 3.17 6.04 -5.60
CA GLU A 33 2.55 4.76 -6.01
C GLU A 33 1.45 4.33 -5.05
N LEU A 34 1.66 4.53 -3.73
CA LEU A 34 0.65 4.09 -2.75
C LEU A 34 -0.55 5.01 -2.74
N ILE A 35 -0.36 6.31 -2.99
CA ILE A 35 -1.52 7.22 -3.15
C ILE A 35 -2.28 6.91 -4.42
N SER A 36 -1.57 6.57 -5.50
CA SER A 36 -2.27 6.19 -6.76
CA SER A 36 -2.22 6.16 -6.76
C SER A 36 -3.14 4.95 -6.55
N ASN A 37 -2.61 3.91 -5.89
CA ASN A 37 -3.38 2.69 -5.58
C ASN A 37 -4.55 3.00 -4.71
N ALA A 38 -4.33 3.93 -3.76
CA ALA A 38 -5.40 4.35 -2.87
C ALA A 38 -6.46 5.04 -3.72
N SER A 39 -6.00 5.97 -4.56
CA SER A 39 -6.98 6.66 -5.44
C SER A 39 -7.75 5.68 -6.37
N ASP A 40 -7.08 4.68 -6.93
CA ASP A 40 -7.79 3.63 -7.73
C ASP A 40 -8.82 2.90 -6.94
N ALA A 41 -8.53 2.55 -5.66
CA ALA A 41 -9.52 1.83 -4.87
C ALA A 41 -10.67 2.69 -4.53
N LEU A 42 -10.41 3.97 -4.34
CA LEU A 42 -11.55 4.85 -4.10
C LEU A 42 -12.40 5.05 -5.41
N ASP A 43 -11.76 5.23 -6.56
CA ASP A 43 -12.47 5.18 -7.88
C ASP A 43 -13.38 3.98 -7.98
N LYS A 44 -12.86 2.77 -7.67
CA LYS A 44 -13.66 1.52 -7.82
C LYS A 44 -14.83 1.47 -6.91
N ILE A 45 -14.70 1.92 -5.66
CA ILE A 45 -15.90 1.93 -4.78
C ILE A 45 -16.90 3.02 -5.21
N ARG A 46 -16.39 4.15 -5.68
CA ARG A 46 -17.30 5.23 -6.14
C ARG A 46 -17.99 4.67 -7.39
N TYR A 47 -17.19 4.16 -8.32
CA TYR A 47 -17.80 3.61 -9.56
C TYR A 47 -18.83 2.53 -9.26
N LYS A 48 -18.50 1.63 -8.33
CA LYS A 48 -19.39 0.56 -7.92
C LYS A 48 -20.66 1.09 -7.34
N SER A 49 -20.57 2.21 -6.59
CA SER A 49 -21.74 2.73 -5.87
CA SER A 49 -21.76 2.67 -5.87
C SER A 49 -22.76 3.39 -6.79
N LEU A 50 -22.33 3.67 -8.02
CA LEU A 50 -23.24 4.20 -9.04
C LEU A 50 -24.46 3.32 -9.18
N SER A 51 -24.30 2.00 -9.14
CA SER A 51 -25.48 1.13 -9.28
C SER A 51 -25.83 0.42 -8.00
N ASP A 52 -25.09 0.70 -6.95
CA ASP A 52 -25.35 0.04 -5.69
C ASP A 52 -24.89 1.02 -4.60
N PRO A 53 -25.69 2.08 -4.39
CA PRO A 53 -25.36 3.18 -3.46
C PRO A 53 -25.12 2.69 -2.02
N LYS A 54 -25.78 1.62 -1.60
CA LYS A 54 -25.56 1.08 -0.26
C LYS A 54 -24.09 0.60 0.06
N GLN A 55 -23.29 0.37 -0.96
CA GLN A 55 -21.92 -0.01 -0.77
C GLN A 55 -21.12 1.09 -0.06
N LEU A 56 -21.63 2.32 -0.07
CA LEU A 56 -20.92 3.45 0.57
C LEU A 56 -21.18 3.51 2.03
N GLU A 57 -22.27 2.90 2.50
CA GLU A 57 -22.75 3.18 3.86
C GLU A 57 -21.83 2.62 4.96
N THR A 58 -21.02 1.62 4.64
CA THR A 58 -20.06 1.12 5.62
C THR A 58 -18.94 2.17 5.95
N GLU A 59 -18.82 3.20 5.12
CA GLU A 59 -17.87 4.28 5.33
C GLU A 59 -18.18 5.39 4.31
N PRO A 60 -19.10 6.30 4.68
CA PRO A 60 -19.58 7.27 3.72
C PRO A 60 -18.50 8.26 3.30
N ASP A 61 -17.45 8.49 4.09
CA ASP A 61 -16.41 9.44 3.68
C ASP A 61 -15.36 8.85 2.76
N LEU A 62 -15.06 9.52 1.64
CA LEU A 62 -14.01 9.06 0.75
C LEU A 62 -12.70 9.84 0.93
N PHE A 63 -11.63 9.18 1.44
CA PHE A 63 -10.40 9.91 1.79
C PHE A 63 -9.17 9.04 1.69
N ILE A 64 -8.00 9.68 1.63
CA ILE A 64 -6.74 8.99 1.82
C ILE A 64 -6.13 9.64 3.08
N ARG A 65 -5.59 8.84 4.00
CA ARG A 65 -5.08 9.40 5.28
C ARG A 65 -3.73 8.81 5.56
N ILE A 66 -2.78 9.68 5.86
CA ILE A 66 -1.43 9.24 6.12
C ILE A 66 -1.14 9.53 7.60
N THR A 67 -0.69 8.50 8.32
CA THR A 67 -0.43 8.57 9.75
C THR A 67 0.96 8.07 10.11
N PRO A 68 1.88 9.00 10.35
CA PRO A 68 3.18 8.60 10.89
C PRO A 68 3.05 8.15 12.34
N LYS A 69 3.71 7.03 12.71
CA LYS A 69 3.71 6.53 14.07
C LYS A 69 5.16 6.42 14.47
N PRO A 70 5.82 7.58 14.74
CA PRO A 70 7.30 7.67 14.91
C PRO A 70 7.87 6.72 15.96
N GLU A 71 7.15 6.49 17.04
CA GLU A 71 7.55 5.57 18.11
C GLU A 71 7.64 4.13 17.65
N GLN A 72 6.81 3.71 16.70
CA GLN A 72 6.95 2.35 16.17
C GLN A 72 7.75 2.27 14.89
N LYS A 73 8.28 3.41 14.46
CA LYS A 73 8.88 3.59 13.12
C LYS A 73 7.96 3.06 12.01
N VAL A 74 6.65 3.33 12.17
CA VAL A 74 5.65 2.95 11.16
C VAL A 74 5.11 4.14 10.43
N LEU A 75 4.90 4.00 9.12
CA LEU A 75 4.06 4.92 8.37
C LEU A 75 2.80 4.23 7.86
N GLU A 76 1.61 4.74 8.20
CA GLU A 76 0.36 4.16 7.64
C GLU A 76 -0.28 4.96 6.52
N ILE A 77 -0.74 4.28 5.48
CA ILE A 77 -1.48 4.97 4.40
C ILE A 77 -2.80 4.26 4.31
N ARG A 78 -3.84 4.97 4.69
CA ARG A 78 -5.19 4.44 4.71
C ARG A 78 -6.06 5.04 3.57
N ASP A 79 -6.94 4.23 2.97
CA ASP A 79 -8.00 4.78 2.12
C ASP A 79 -9.31 4.11 2.50
N SER A 80 -10.41 4.78 2.20
CA SER A 80 -11.75 4.15 2.33
C SER A 80 -12.30 3.62 0.97
N GLY A 81 -11.44 3.01 0.21
CA GLY A 81 -11.77 2.52 -1.13
C GLY A 81 -12.43 1.16 -1.00
N ILE A 82 -12.36 0.36 -2.06
CA ILE A 82 -13.21 -0.83 -2.15
C ILE A 82 -12.73 -1.95 -1.21
N GLY A 83 -11.44 -1.93 -0.81
CA GLY A 83 -10.90 -3.01 0.12
C GLY A 83 -10.75 -4.33 -0.66
N MET A 84 -10.13 -5.33 -0.02
CA MET A 84 -9.91 -6.66 -0.60
C MET A 84 -10.41 -7.70 0.41
N THR A 85 -11.13 -8.70 -0.08
CA THR A 85 -11.49 -9.91 0.72
C THR A 85 -10.26 -10.74 0.96
N LYS A 86 -10.35 -11.77 1.82
CA LYS A 86 -9.21 -12.66 2.00
C LYS A 86 -8.71 -13.22 0.66
N ALA A 87 -9.62 -13.74 -0.17
CA ALA A 87 -9.15 -14.36 -1.44
C ALA A 87 -8.51 -13.31 -2.35
N GLU A 88 -9.04 -12.08 -2.34
CA GLU A 88 -8.36 -10.99 -3.07
C GLU A 88 -6.99 -10.65 -2.60
N LEU A 89 -6.79 -10.59 -1.29
CA LEU A 89 -5.46 -10.25 -0.76
C LEU A 89 -4.50 -11.32 -1.23
N ILE A 90 -4.96 -12.58 -1.20
CA ILE A 90 -4.10 -13.71 -1.54
C ILE A 90 -3.75 -13.67 -3.05
N ASN A 91 -4.75 -13.42 -3.87
CA ASN A 91 -4.55 -13.45 -5.31
CA ASN A 91 -4.60 -13.42 -5.33
C ASN A 91 -3.81 -12.20 -5.78
N ASN A 92 -4.27 -11.01 -5.38
CA ASN A 92 -3.73 -9.75 -5.85
C ASN A 92 -2.34 -9.40 -5.36
N LEU A 93 -1.99 -9.79 -4.14
CA LEU A 93 -0.68 -9.47 -3.60
C LEU A 93 0.20 -10.73 -3.49
N GLY A 94 0.49 -11.38 -4.58
CA GLY A 94 1.42 -12.45 -4.43
C GLY A 94 1.30 -13.74 -5.16
N THR A 95 0.14 -14.34 -5.19
CA THR A 95 0.03 -15.69 -5.76
C THR A 95 -0.21 -15.75 -7.26
N ILE A 96 -0.85 -14.74 -7.82
CA ILE A 96 -0.80 -14.53 -9.24
C ILE A 96 -0.04 -13.24 -9.37
N ALA A 97 -0.71 -12.14 -9.08
CA ALA A 97 -0.14 -10.75 -8.96
C ALA A 97 0.85 -10.38 -10.07
N LYS A 98 0.71 -11.14 -11.15
CA LYS A 98 1.69 -11.36 -12.19
C LYS A 98 1.72 -10.16 -13.15
N SER A 99 2.25 -10.36 -14.35
CA SER A 99 1.82 -9.60 -15.54
C SER A 99 2.85 -8.63 -16.11
N GLY A 100 3.25 -7.63 -15.34
CA GLY A 100 4.29 -6.72 -15.74
C GLY A 100 5.55 -6.95 -14.94
N THR A 101 5.47 -7.89 -14.00
CA THR A 101 6.53 -8.14 -13.04
C THR A 101 7.89 -8.43 -13.70
N LYS A 102 7.85 -9.29 -14.72
CA LYS A 102 9.06 -9.72 -15.41
C LYS A 102 9.44 -8.67 -16.45
N ALA A 103 8.46 -8.09 -17.16
CA ALA A 103 8.74 -6.97 -18.03
C ALA A 103 9.46 -5.85 -17.26
N PHE A 104 9.07 -5.61 -16.02
CA PHE A 104 9.63 -4.47 -15.27
C PHE A 104 11.09 -4.71 -14.90
N MET A 105 11.37 -5.91 -14.41
CA MET A 105 12.67 -6.32 -14.09
C MET A 105 13.63 -6.28 -15.29
N GLU A 106 13.09 -6.58 -16.48
CA GLU A 106 13.86 -6.55 -17.70
C GLU A 106 14.12 -5.10 -18.10
N ALA A 107 13.12 -4.24 -17.94
CA ALA A 107 13.34 -2.84 -18.17
C ALA A 107 14.42 -2.27 -17.19
N LEU A 108 14.40 -2.70 -15.91
CA LEU A 108 15.43 -2.31 -14.92
C LEU A 108 16.82 -2.69 -15.35
N SER A 109 17.06 -3.95 -15.67
CA SER A 109 18.30 -4.39 -16.27
C SER A 109 18.83 -3.50 -17.42
N ALA A 110 17.95 -3.04 -18.30
CA ALA A 110 18.33 -2.19 -19.43
C ALA A 110 18.54 -0.73 -19.04
N GLY A 111 18.28 -0.37 -17.77
CA GLY A 111 18.53 0.98 -17.26
C GLY A 111 17.30 1.80 -16.95
N ALA A 112 16.11 1.20 -17.02
CA ALA A 112 14.90 2.01 -16.71
C ALA A 112 15.02 2.49 -15.30
N ASP A 113 14.39 3.61 -15.06
CA ASP A 113 14.41 4.18 -13.78
C ASP A 113 13.37 3.46 -12.93
N VAL A 114 13.77 3.07 -11.72
CA VAL A 114 12.84 2.46 -10.74
C VAL A 114 11.47 3.17 -10.75
N SER A 115 11.44 4.46 -11.05
CA SER A 115 10.12 5.14 -11.06
C SER A 115 9.11 4.79 -12.14
N MET A 116 9.49 3.99 -13.15
CA MET A 116 8.43 3.49 -14.12
C MET A 116 7.58 2.34 -13.56
N ILE A 117 7.91 1.91 -12.34
CA ILE A 117 7.31 0.71 -11.72
C ILE A 117 5.80 0.71 -11.85
N GLY A 118 5.21 1.87 -11.58
CA GLY A 118 3.77 2.02 -11.76
C GLY A 118 3.24 1.81 -13.15
N GLN A 119 4.00 2.09 -14.22
CA GLN A 119 3.39 1.88 -15.58
C GLN A 119 3.38 0.39 -16.00
N PHE A 120 4.05 -0.42 -15.20
CA PHE A 120 4.05 -1.86 -15.29
C PHE A 120 3.05 -2.58 -14.38
N GLY A 121 2.25 -1.79 -13.66
CA GLY A 121 1.18 -2.31 -12.78
C GLY A 121 1.72 -2.95 -11.49
N VAL A 122 2.97 -2.74 -11.16
CA VAL A 122 3.51 -3.35 -9.94
C VAL A 122 4.05 -2.36 -8.91
N GLY A 123 3.56 -1.11 -8.93
CA GLY A 123 4.07 -0.10 -7.98
C GLY A 123 3.86 -0.35 -6.48
N PHE A 124 2.85 -1.13 -6.12
CA PHE A 124 2.79 -1.64 -4.71
C PHE A 124 4.13 -2.06 -4.14
N TYR A 125 4.93 -2.82 -4.90
CA TYR A 125 6.22 -3.34 -4.40
C TYR A 125 7.28 -2.27 -4.19
N SER A 126 7.03 -1.06 -4.73
CA SER A 126 7.95 0.07 -4.43
C SER A 126 8.06 0.40 -2.98
N LEU A 127 7.11 -0.09 -2.17
CA LEU A 127 7.19 0.20 -0.72
C LEU A 127 8.43 -0.41 -0.15
N PHE A 128 8.97 -1.48 -0.76
CA PHE A 128 10.15 -2.02 -0.16
C PHE A 128 11.40 -1.14 -0.31
N LEU A 129 11.31 -0.05 -1.08
CA LEU A 129 12.41 0.97 -1.05
C LEU A 129 12.62 1.52 0.34
N VAL A 130 11.53 1.74 1.11
CA VAL A 130 11.68 2.44 2.40
C VAL A 130 11.34 1.59 3.60
N ALA A 131 10.74 0.41 3.34
CA ALA A 131 10.22 -0.47 4.41
C ALA A 131 10.88 -1.86 4.26
N ASP A 132 11.22 -2.53 5.34
CA ASP A 132 11.56 -3.94 5.12
C ASP A 132 10.47 -4.88 5.63
N ARG A 133 9.29 -4.33 5.95
CA ARG A 133 8.15 -5.18 6.34
C ARG A 133 6.88 -4.34 6.16
N VAL A 134 5.80 -5.01 5.74
CA VAL A 134 4.53 -4.34 5.51
C VAL A 134 3.37 -5.22 5.97
N GLN A 135 2.34 -4.60 6.57
CA GLN A 135 1.10 -5.28 6.74
C GLN A 135 0.04 -4.55 5.93
N VAL A 136 -0.75 -5.27 5.13
CA VAL A 136 -1.85 -4.68 4.41
C VAL A 136 -3.09 -5.13 5.19
N ILE A 137 -3.81 -4.18 5.75
CA ILE A 137 -5.01 -4.51 6.57
C ILE A 137 -6.19 -4.08 5.74
N SER A 138 -7.16 -4.97 5.49
CA SER A 138 -8.14 -4.60 4.53
C SER A 138 -9.52 -5.16 4.92
N LYS A 139 -10.52 -4.36 4.63
CA LYS A 139 -11.90 -4.67 4.90
C LYS A 139 -12.72 -4.36 3.62
N SER A 140 -13.15 -5.43 2.94
CA SER A 140 -14.11 -5.33 1.83
C SER A 140 -15.51 -5.45 2.40
N ASN A 141 -16.52 -4.81 1.80
CA ASN A 141 -17.90 -5.06 2.23
C ASN A 141 -18.23 -6.55 2.15
N ASP A 142 -17.49 -7.28 1.36
CA ASP A 142 -17.81 -8.70 1.14
C ASP A 142 -17.16 -9.67 2.09
N ASP A 143 -16.35 -9.21 3.05
CA ASP A 143 -15.62 -10.15 3.89
C ASP A 143 -15.26 -9.47 5.20
N GLU A 144 -14.76 -10.26 6.13
CA GLU A 144 -14.26 -9.77 7.43
C GLU A 144 -12.97 -8.97 7.16
N GLN A 145 -12.47 -8.27 8.16
CA GLN A 145 -11.14 -7.63 8.07
C GLN A 145 -9.99 -8.66 8.18
N TYR A 146 -9.01 -8.58 7.28
CA TYR A 146 -7.82 -9.47 7.25
C TYR A 146 -6.49 -8.69 7.24
N ILE A 147 -5.41 -9.33 7.71
CA ILE A 147 -4.06 -8.81 7.62
C ILE A 147 -3.19 -9.67 6.69
N TRP A 148 -2.57 -9.05 5.69
CA TRP A 148 -1.61 -9.74 4.81
C TRP A 148 -0.27 -9.17 5.25
N GLU A 149 0.73 -10.04 5.47
CA GLU A 149 2.01 -9.52 5.94
C GLU A 149 3.15 -10.13 5.14
N SER A 150 4.11 -9.26 4.79
CA SER A 150 5.34 -9.69 4.07
C SER A 150 6.56 -8.96 4.51
N ASN A 151 7.66 -9.71 4.48
CA ASN A 151 8.97 -9.13 4.77
C ASN A 151 9.94 -9.28 3.58
N ALA A 152 9.37 -9.34 2.39
CA ALA A 152 10.07 -9.50 1.10
C ALA A 152 10.72 -10.87 0.98
N GLY A 153 10.43 -11.81 1.89
CA GLY A 153 10.87 -13.18 1.75
C GLY A 153 9.99 -13.86 0.70
N GLY A 154 10.17 -15.18 0.54
CA GLY A 154 9.41 -15.95 -0.44
C GLY A 154 8.00 -16.35 -0.06
N SER A 155 7.58 -16.05 1.17
CA SER A 155 6.19 -16.35 1.55
C SER A 155 5.52 -15.19 2.34
N PHE A 156 4.20 -15.11 2.34
CA PHE A 156 3.47 -14.12 3.13
C PHE A 156 2.44 -14.82 3.99
N THR A 157 1.84 -14.10 4.95
CA THR A 157 0.80 -14.68 5.80
C THR A 157 -0.47 -13.87 5.67
N VAL A 158 -1.60 -14.53 5.88
CA VAL A 158 -2.87 -13.87 5.89
C VAL A 158 -3.56 -14.33 7.17
N THR A 159 -4.08 -13.38 7.95
CA THR A 159 -4.64 -13.65 9.30
C THR A 159 -5.92 -12.90 9.50
N LEU A 160 -6.94 -13.58 9.98
CA LEU A 160 -8.15 -12.87 10.40
C LEU A 160 -7.79 -11.78 11.46
N ASP A 161 -8.34 -10.57 11.32
CA ASP A 161 -7.79 -9.43 12.07
C ASP A 161 -8.54 -9.31 13.38
N GLU A 162 -7.89 -9.61 14.49
CA GLU A 162 -8.55 -9.39 15.76
C GLU A 162 -7.73 -8.42 16.64
N VAL A 163 -6.77 -7.71 16.01
CA VAL A 163 -5.84 -6.86 16.74
C VAL A 163 -5.84 -5.38 16.35
N ASN A 164 -6.41 -5.00 15.18
CA ASN A 164 -6.25 -3.59 14.70
C ASN A 164 -7.55 -2.88 14.82
N GLU A 165 -7.54 -1.57 14.78
CA GLU A 165 -8.81 -0.83 14.73
C GLU A 165 -9.64 -1.30 13.56
N ARG A 166 -10.97 -1.24 13.72
CA ARG A 166 -11.92 -1.65 12.68
C ARG A 166 -11.84 -0.58 11.59
N ILE A 167 -11.61 -1.03 10.37
CA ILE A 167 -11.69 -0.16 9.20
C ILE A 167 -13.22 -0.36 8.93
N GLY A 168 -13.94 0.70 8.68
CA GLY A 168 -15.31 0.57 8.19
C GLY A 168 -15.27 -0.12 6.84
N ARG A 169 -14.41 0.35 5.93
CA ARG A 169 -14.23 -0.24 4.57
C ARG A 169 -12.94 0.35 4.00
N GLY A 170 -12.11 -0.47 3.33
CA GLY A 170 -10.89 0.04 2.69
C GLY A 170 -9.64 -0.68 3.16
N THR A 171 -8.52 0.00 3.08
CA THR A 171 -7.23 -0.68 3.21
C THR A 171 -6.27 0.25 3.95
N ILE A 172 -5.46 -0.34 4.86
CA ILE A 172 -4.34 0.35 5.43
C ILE A 172 -3.06 -0.38 4.99
N LEU A 173 -2.12 0.38 4.43
CA LEU A 173 -0.79 -0.10 4.29
C LEU A 173 -0.01 0.39 5.49
N ARG A 174 0.45 -0.56 6.30
CA ARG A 174 1.25 -0.26 7.44
C ARG A 174 2.73 -0.62 7.12
N LEU A 175 3.56 0.44 6.89
CA LEU A 175 4.95 0.29 6.46
C LEU A 175 5.87 0.36 7.67
N PHE A 176 6.64 -0.69 7.87
CA PHE A 176 7.68 -0.73 8.92
C PHE A 176 9.00 -0.21 8.30
N LEU A 177 9.27 1.07 8.51
CA LEU A 177 10.30 1.79 7.80
C LEU A 177 11.70 1.27 8.17
N LYS A 178 12.60 1.28 7.20
CA LYS A 178 14.02 0.91 7.45
C LYS A 178 14.69 2.00 8.33
N ASP A 179 15.65 1.66 9.16
CA ASP A 179 16.28 2.69 10.05
C ASP A 179 16.84 3.93 9.38
N ASP A 180 17.19 3.83 8.13
CA ASP A 180 17.70 4.97 7.43
C ASP A 180 16.63 5.74 6.69
N GLN A 181 15.36 5.41 6.88
CA GLN A 181 14.35 6.09 6.08
C GLN A 181 13.30 6.78 6.94
N LEU A 182 13.69 7.08 8.19
CA LEU A 182 12.80 7.58 9.22
C LEU A 182 12.34 8.99 8.90
N GLU A 183 12.92 9.57 7.87
CA GLU A 183 12.56 10.89 7.44
C GLU A 183 11.12 10.94 6.97
N TYR A 184 10.63 9.81 6.45
CA TYR A 184 9.24 9.73 6.01
C TYR A 184 8.19 9.73 7.17
N LEU A 185 8.66 9.81 8.42
CA LEU A 185 7.78 10.04 9.55
C LEU A 185 7.53 11.53 9.80
N GLU A 186 8.29 12.40 9.13
CA GLU A 186 8.23 13.85 9.37
C GLU A 186 7.20 14.57 8.54
N GLU A 187 6.40 15.38 9.21
CA GLU A 187 5.36 16.12 8.53
C GLU A 187 5.83 16.97 7.35
N LYS A 188 6.94 17.68 7.48
CA LYS A 188 7.39 18.51 6.35
C LYS A 188 7.77 17.68 5.10
N ARG A 189 8.61 16.66 5.34
CA ARG A 189 9.03 15.68 4.29
C ARG A 189 7.82 15.10 3.48
N ILE A 190 6.87 14.50 4.22
CA ILE A 190 5.58 14.01 3.61
C ILE A 190 4.91 15.02 2.74
N LYS A 191 4.69 16.25 3.26
CA LYS A 191 3.98 17.26 2.46
C LYS A 191 4.72 17.57 1.20
N GLU A 192 6.01 17.74 1.34
CA GLU A 192 6.84 18.03 0.17
C GLU A 192 6.73 16.88 -0.87
N VAL A 193 6.75 15.62 -0.40
CA VAL A 193 6.65 14.48 -1.34
C VAL A 193 5.32 14.45 -2.07
N ILE A 194 4.20 14.73 -1.38
CA ILE A 194 2.85 14.79 -2.00
C ILE A 194 2.67 15.92 -2.99
N LYS A 195 3.20 17.11 -2.66
CA LYS A 195 3.01 18.25 -3.57
C LYS A 195 3.73 17.98 -4.86
N ARG A 196 4.92 17.38 -4.73
CA ARG A 196 5.72 17.10 -5.91
C ARG A 196 5.09 16.08 -6.84
N HIS A 197 4.55 14.99 -6.31
CA HIS A 197 4.20 13.87 -7.19
C HIS A 197 2.75 13.53 -7.26
N SER A 198 1.93 14.15 -6.42
CA SER A 198 0.49 13.83 -6.44
C SER A 198 -0.43 15.03 -6.50
N GLU A 199 -0.24 15.88 -7.51
CA GLU A 199 -0.98 17.16 -7.60
C GLU A 199 -2.46 17.00 -7.95
N PHE A 200 -2.77 16.02 -8.78
CA PHE A 200 -4.12 15.83 -9.25
C PHE A 200 -4.76 14.58 -8.64
N VAL A 201 -5.26 14.68 -7.43
CA VAL A 201 -5.93 13.54 -6.79
C VAL A 201 -7.30 14.04 -6.43
N ALA A 202 -8.31 13.30 -6.87
CA ALA A 202 -9.68 13.67 -6.68
C ALA A 202 -10.12 13.61 -5.23
N TYR A 203 -9.32 13.01 -4.36
CA TYR A 203 -9.84 12.74 -3.00
C TYR A 203 -9.04 13.52 -2.00
N PRO A 204 -9.66 13.98 -0.90
CA PRO A 204 -8.80 14.63 0.10
C PRO A 204 -7.68 13.71 0.61
N ILE A 205 -6.47 14.26 0.72
CA ILE A 205 -5.39 13.59 1.40
C ILE A 205 -5.21 14.22 2.79
N GLN A 206 -5.37 13.42 3.84
CA GLN A 206 -5.28 13.92 5.23
C GLN A 206 -3.98 13.48 5.85
N LEU A 207 -3.39 14.33 6.66
CA LEU A 207 -2.19 14.00 7.33
C LEU A 207 -2.52 14.11 8.81
N VAL A 208 -2.18 13.07 9.56
CA VAL A 208 -2.53 12.98 10.97
C VAL A 208 -1.27 13.34 11.70
N VAL A 209 -1.28 14.48 12.38
CA VAL A 209 -0.05 14.96 13.06
C VAL A 209 -0.28 14.94 14.59
N THR A 210 0.72 14.54 15.37
CA THR A 210 0.63 14.50 16.80
C THR A 210 1.50 15.61 17.35
N LYS A 211 0.92 16.57 18.08
CA LYS A 211 1.71 17.64 18.67
C LYS A 211 1.53 17.73 20.21
N GLU A 212 2.61 17.95 20.94
CA GLU A 212 2.52 18.18 22.38
C GLU A 212 1.89 19.54 22.61
N VAL A 213 0.99 19.62 23.59
CA VAL A 213 0.34 20.86 23.93
C VAL A 213 1.26 21.53 24.97
N GLU A 214 1.57 22.81 24.82
CA GLU A 214 2.29 23.50 25.91
C GLU A 214 1.68 24.82 26.35
#